data_1R41
# 
_entry.id   1R41 
# 
_audit_conform.dict_name       mmcif_pdbx.dic 
_audit_conform.dict_version    5.386 
_audit_conform.dict_location   http://mmcif.pdb.org/dictionaries/ascii/mmcif_pdbx.dic 
# 
loop_
_database_2.database_id 
_database_2.database_code 
_database_2.pdbx_database_accession 
_database_2.pdbx_DOI 
PDB   1R41         pdb_00001r41 10.2210/pdb1r41/pdb 
NDB   UD0045       ?            ?                   
RCSB  RCSB020409   ?            ?                   
WWPDB D_1000020409 ?            ?                   
# 
loop_
_pdbx_audit_revision_history.ordinal 
_pdbx_audit_revision_history.data_content_type 
_pdbx_audit_revision_history.major_revision 
_pdbx_audit_revision_history.minor_revision 
_pdbx_audit_revision_history.revision_date 
1 'Structure model' 1 0 2003-12-23 
2 'Structure model' 1 1 2008-04-29 
3 'Structure model' 1 2 2011-07-13 
4 'Structure model' 1 3 2024-02-14 
# 
_pdbx_audit_revision_details.ordinal             1 
_pdbx_audit_revision_details.revision_ordinal    1 
_pdbx_audit_revision_details.data_content_type   'Structure model' 
_pdbx_audit_revision_details.provider            repository 
_pdbx_audit_revision_details.type                'Initial release' 
_pdbx_audit_revision_details.description         ? 
_pdbx_audit_revision_details.details             ? 
# 
loop_
_pdbx_audit_revision_group.ordinal 
_pdbx_audit_revision_group.revision_ordinal 
_pdbx_audit_revision_group.data_content_type 
_pdbx_audit_revision_group.group 
1 2 'Structure model' 'Version format compliance' 
2 3 'Structure model' 'Version format compliance' 
3 4 'Structure model' 'Data collection'           
4 4 'Structure model' 'Database references'       
5 4 'Structure model' 'Derived calculations'      
# 
loop_
_pdbx_audit_revision_category.ordinal 
_pdbx_audit_revision_category.revision_ordinal 
_pdbx_audit_revision_category.data_content_type 
_pdbx_audit_revision_category.category 
1 4 'Structure model' chem_comp_atom 
2 4 'Structure model' chem_comp_bond 
3 4 'Structure model' database_2     
4 4 'Structure model' struct_conn    
# 
loop_
_pdbx_audit_revision_item.ordinal 
_pdbx_audit_revision_item.revision_ordinal 
_pdbx_audit_revision_item.data_content_type 
_pdbx_audit_revision_item.item 
1 4 'Structure model' '_database_2.pdbx_DOI'                
2 4 'Structure model' '_database_2.pdbx_database_accession' 
3 4 'Structure model' '_struct_conn.pdbx_leaving_atom_flag' 
# 
_pdbx_database_status.status_code                     REL 
_pdbx_database_status.entry_id                        1R41 
_pdbx_database_status.recvd_initial_deposition_date   2003-10-03 
_pdbx_database_status.deposit_site                    RCSB 
_pdbx_database_status.process_site                    RCSB 
_pdbx_database_status.status_code_sf                  REL 
_pdbx_database_status.SG_entry                        . 
_pdbx_database_status.pdb_format_compatible           Y 
_pdbx_database_status.status_code_mr                  ? 
_pdbx_database_status.status_code_cs                  ? 
_pdbx_database_status.status_code_nmr_data            ? 
_pdbx_database_status.methods_development_category    ? 
# 
_pdbx_database_related.db_name        PDB 
_pdbx_database_related.db_id          1R3Z 
_pdbx_database_related.details        
'Crystal structures of d(Gm5CGm5CGCGC) and d(GCGCGm5CGm5C): Effects of methylation on alternating DNA octamers' 
_pdbx_database_related.content_type   unspecified 
# 
loop_
_audit_author.name 
_audit_author.pdbx_ordinal 
'Shi, K.'           1 
'Pan, B.'           2 
'Tippin, D.'        3 
'Sundaralingam, M.' 4 
# 
_citation.id                        primary 
_citation.title                     
'Structures of d(Gm5)CGm5CGCGC) and d(GCGCGm5CGm5C): effects of methylation on alternating DNA octamers.' 
_citation.journal_abbrev            'Acta Crystallogr.,Sect.D' 
_citation.journal_volume            60 
_citation.page_first                61 
_citation.page_last                 65 
_citation.year                      2004 
_citation.journal_id_ASTM           ABCRE6 
_citation.country                   DK 
_citation.journal_id_ISSN           0907-4449 
_citation.journal_id_CSD            0766 
_citation.book_publisher            ? 
_citation.pdbx_database_id_PubMed   14684893 
_citation.pdbx_database_id_DOI      10.1107/S0907444903021899 
# 
loop_
_citation_author.citation_id 
_citation_author.name 
_citation_author.ordinal 
_citation_author.identifier_ORCID 
primary 'Shi, K.'           1 ? 
primary 'Pan, B.'           2 ? 
primary 'Tippin, D.'        3 ? 
primary 'Sundaralingam, M.' 4 ? 
# 
loop_
_entity.id 
_entity.type 
_entity.src_method 
_entity.pdbx_description 
_entity.formula_weight 
_entity.pdbx_number_of_molecules 
_entity.pdbx_ec 
_entity.pdbx_mutation 
_entity.pdbx_fragment 
_entity.details 
1 polymer syn "5'-D(*GP*CP*GP*CP*GP*(5CM)P*GP*(5CM))-3'" 2456.647 1  ? ? ? ? 
2 water   nat water                                      18.015   19 ? ? ? ? 
# 
_entity_poly.entity_id                      1 
_entity_poly.type                           polydeoxyribonucleotide 
_entity_poly.nstd_linkage                   no 
_entity_poly.nstd_monomer                   yes 
_entity_poly.pdbx_seq_one_letter_code       '(DG)(DC)(DG)(DC)(DG)(5CM)(DG)(5CM)' 
_entity_poly.pdbx_seq_one_letter_code_can   GCGCGCGC 
_entity_poly.pdbx_strand_id                 A 
_entity_poly.pdbx_target_identifier         ? 
# 
_pdbx_entity_nonpoly.entity_id   2 
_pdbx_entity_nonpoly.name        water 
_pdbx_entity_nonpoly.comp_id     HOH 
# 
loop_
_entity_poly_seq.entity_id 
_entity_poly_seq.num 
_entity_poly_seq.mon_id 
_entity_poly_seq.hetero 
1 1 DG  n 
1 2 DC  n 
1 3 DG  n 
1 4 DC  n 
1 5 DG  n 
1 6 5CM n 
1 7 DG  n 
1 8 5CM n 
# 
_pdbx_entity_src_syn.entity_id              1 
_pdbx_entity_src_syn.pdbx_src_id            1 
_pdbx_entity_src_syn.pdbx_alt_source_flag   sample 
_pdbx_entity_src_syn.pdbx_beg_seq_num       ? 
_pdbx_entity_src_syn.pdbx_end_seq_num       ? 
_pdbx_entity_src_syn.organism_scientific    ? 
_pdbx_entity_src_syn.organism_common_name   ? 
_pdbx_entity_src_syn.ncbi_taxonomy_id       ? 
_pdbx_entity_src_syn.details                'DNA Synthesizer' 
# 
loop_
_chem_comp.id 
_chem_comp.type 
_chem_comp.mon_nstd_flag 
_chem_comp.name 
_chem_comp.pdbx_synonyms 
_chem_comp.formula 
_chem_comp.formula_weight 
5CM 'DNA linking' n "5-METHYL-2'-DEOXY-CYTIDINE-5'-MONOPHOSPHATE" ? 'C10 H16 N3 O7 P' 321.224 
DC  'DNA linking' y "2'-DEOXYCYTIDINE-5'-MONOPHOSPHATE"           ? 'C9 H14 N3 O7 P'  307.197 
DG  'DNA linking' y "2'-DEOXYGUANOSINE-5'-MONOPHOSPHATE"          ? 'C10 H14 N5 O7 P' 347.221 
HOH non-polymer   . WATER                                         ? 'H2 O'            18.015  
# 
loop_
_pdbx_poly_seq_scheme.asym_id 
_pdbx_poly_seq_scheme.entity_id 
_pdbx_poly_seq_scheme.seq_id 
_pdbx_poly_seq_scheme.mon_id 
_pdbx_poly_seq_scheme.ndb_seq_num 
_pdbx_poly_seq_scheme.pdb_seq_num 
_pdbx_poly_seq_scheme.auth_seq_num 
_pdbx_poly_seq_scheme.pdb_mon_id 
_pdbx_poly_seq_scheme.auth_mon_id 
_pdbx_poly_seq_scheme.pdb_strand_id 
_pdbx_poly_seq_scheme.pdb_ins_code 
_pdbx_poly_seq_scheme.hetero 
A 1 1 DG  1 1 1 DG  GUA A . n 
A 1 2 DC  2 2 2 DC  CYT A . n 
A 1 3 DG  3 3 3 DG  GUA A . n 
A 1 4 DC  4 4 4 DC  CYT A . n 
A 1 5 DG  5 5 5 DG  GUA A . n 
A 1 6 5CM 6 6 6 5CM CYM A . n 
A 1 7 DG  7 7 7 DG  GUA A . n 
A 1 8 5CM 8 8 8 5CM CYM A . n 
# 
loop_
_pdbx_nonpoly_scheme.asym_id 
_pdbx_nonpoly_scheme.entity_id 
_pdbx_nonpoly_scheme.mon_id 
_pdbx_nonpoly_scheme.ndb_seq_num 
_pdbx_nonpoly_scheme.pdb_seq_num 
_pdbx_nonpoly_scheme.auth_seq_num 
_pdbx_nonpoly_scheme.pdb_mon_id 
_pdbx_nonpoly_scheme.auth_mon_id 
_pdbx_nonpoly_scheme.pdb_strand_id 
_pdbx_nonpoly_scheme.pdb_ins_code 
B 2 HOH 1  101 101 HOH WAT A . 
B 2 HOH 2  102 102 HOH WAT A . 
B 2 HOH 3  103 103 HOH WAT A . 
B 2 HOH 4  104 104 HOH WAT A . 
B 2 HOH 5  105 105 HOH WAT A . 
B 2 HOH 6  106 106 HOH WAT A . 
B 2 HOH 7  107 107 HOH WAT A . 
B 2 HOH 8  108 108 HOH WAT A . 
B 2 HOH 9  109 109 HOH WAT A . 
B 2 HOH 10 110 110 HOH WAT A . 
B 2 HOH 11 111 111 HOH WAT A . 
B 2 HOH 12 112 112 HOH WAT A . 
B 2 HOH 13 113 113 HOH WAT A . 
B 2 HOH 14 114 114 HOH WAT A . 
B 2 HOH 15 115 115 HOH WAT A . 
B 2 HOH 16 116 116 HOH WAT A . 
B 2 HOH 17 117 117 HOH WAT A . 
B 2 HOH 18 118 118 HOH WAT A . 
B 2 HOH 19 119 119 HOH WAT A . 
# 
_cell.entry_id           1R41 
_cell.length_a           43.12 
_cell.length_b           43.12 
_cell.length_c           24.77 
_cell.angle_alpha        90 
_cell.angle_beta         90 
_cell.angle_gamma        90 
_cell.pdbx_unique_axis   ? 
_cell.Z_PDB              8 
# 
_symmetry.entry_id                         1R41 
_symmetry.space_group_name_H-M             'P 43 21 2' 
_symmetry.pdbx_full_space_group_name_H-M   ? 
_symmetry.Int_Tables_number                96 
_symmetry.cell_setting                     ? 
# 
_exptl.entry_id          1R41 
_exptl.method            'X-RAY DIFFRACTION' 
_exptl.crystals_number   1 
# 
_exptl_crystal.id                    1 
_exptl_crystal.density_meas          ? 
_exptl_crystal.density_Matthews      2.26 
_exptl_crystal.density_percent_sol   45.46 
_exptl_crystal.description           ? 
# 
_exptl_crystal_grow.crystal_id      1 
_exptl_crystal_grow.method          'VAPOR DIFFUSION, HANGING DROP' 
_exptl_crystal_grow.temp            298 
_exptl_crystal_grow.temp_details    ? 
_exptl_crystal_grow.pH              6.0 
_exptl_crystal_grow.pdbx_details    
'cacodylate, magnesium chloride, spermine tetrachloride, pH 6.0, VAPOR DIFFUSION, HANGING DROP, temperature 298K' 
_exptl_crystal_grow.pdbx_pH_range   . 
# 
loop_
_exptl_crystal_grow_comp.crystal_id 
_exptl_crystal_grow_comp.id 
_exptl_crystal_grow_comp.sol_id 
_exptl_crystal_grow_comp.name 
_exptl_crystal_grow_comp.volume 
_exptl_crystal_grow_comp.conc 
_exptl_crystal_grow_comp.details 
1 1 1 cacodylate               ? ? ? 
1 2 1 'magnesium chloride'     ? ? ? 
1 3 1 'spermine tetrachloride' ? ? ? 
1 4 1 H2O                      ? ? ? 
1 5 2 cacodylate               ? ? ? 
1 6 2 'magnesium chloride'     ? ? ? 
1 7 2 'spermine tetrachloride' ? ? ? 
1 8 2 H2O                      ? ? ? 
# 
_diffrn.id                     1 
_diffrn.ambient_temp           298 
_diffrn.ambient_temp_details   ? 
_diffrn.crystal_id             1 
# 
_diffrn_detector.diffrn_id              1 
_diffrn_detector.detector               'IMAGE PLATE' 
_diffrn_detector.type                   'RIGAKU RAXIS IIC' 
_diffrn_detector.pdbx_collection_date   ? 
_diffrn_detector.details                ? 
# 
_diffrn_radiation.diffrn_id                        1 
_diffrn_radiation.wavelength_id                    1 
_diffrn_radiation.pdbx_monochromatic_or_laue_m_l   M 
_diffrn_radiation.monochromator                    GRAPHITE 
_diffrn_radiation.pdbx_diffrn_protocol             'SINGLE WAVELENGTH' 
_diffrn_radiation.pdbx_scattering_type             x-ray 
# 
_diffrn_radiation_wavelength.id           1 
_diffrn_radiation_wavelength.wavelength   1.54 
_diffrn_radiation_wavelength.wt           1.0 
# 
_diffrn_source.diffrn_id                   1 
_diffrn_source.source                      'ROTATING ANODE' 
_diffrn_source.type                        'RIGAKU RU200' 
_diffrn_source.pdbx_synchrotron_site       ? 
_diffrn_source.pdbx_synchrotron_beamline   ? 
_diffrn_source.pdbx_wavelength             ? 
_diffrn_source.pdbx_wavelength_list        1.54 
# 
_reflns.entry_id                     1R41 
_reflns.number_all                   ? 
_reflns.number_obs                   2192 
_reflns.percent_possible_obs         ? 
_reflns.observed_criterion_sigma_F   ? 
_reflns.observed_criterion_sigma_I   ? 
_reflns.d_resolution_high            1.80 
_reflns.d_resolution_low             19.23 
_reflns.pdbx_Rmerge_I_obs            ? 
_reflns.pdbx_Rsym_value              ? 
_reflns.pdbx_netI_over_sigmaI        ? 
_reflns.B_iso_Wilson_estimate        ? 
_reflns.pdbx_redundancy              ? 
_reflns.R_free_details               ? 
_reflns.pdbx_diffrn_id               1 
_reflns.pdbx_ordinal                 1 
# 
_refine.entry_id                                 1R41 
_refine.ls_d_res_high                            1.9 
_refine.ls_d_res_low                             10 
_refine.pdbx_ls_sigma_F                          0 
_refine.pdbx_ls_sigma_I                          ? 
_refine.ls_number_reflns_all                     ? 
_refine.ls_number_reflns_obs                     ? 
_refine.ls_number_reflns_R_free                  ? 
_refine.ls_percent_reflns_obs                    ? 
_refine.ls_R_factor_all                          0.204 
_refine.ls_R_factor_obs                          0.183 
_refine.ls_R_factor_R_work                       0.183 
_refine.ls_R_factor_R_free                       0.198 
_refine.ls_redundancy_reflns_obs                 ? 
_refine.pdbx_data_cutoff_high_absF               ? 
_refine.pdbx_data_cutoff_low_absF                ? 
_refine.ls_number_parameters                     ? 
_refine.ls_number_restraints                     ? 
_refine.ls_percent_reflns_R_free                 ? 
_refine.ls_R_factor_R_free_error                 ? 
_refine.ls_R_factor_R_free_error_details         ? 
_refine.pdbx_method_to_determine_struct          'Molecular Placement' 
_refine.pdbx_starting_model                      ? 
_refine.pdbx_ls_cross_valid_method               ? 
_refine.pdbx_R_Free_selection_details            RANDOM 
_refine.pdbx_stereochem_target_val_spec_case     ? 
_refine.pdbx_stereochemistry_target_values       'Engh & Huber' 
_refine.solvent_model_details                    ? 
_refine.solvent_model_param_bsol                 ? 
_refine.solvent_model_param_ksol                 ? 
_refine.occupancy_max                            ? 
_refine.occupancy_min                            ? 
_refine.pdbx_isotropic_thermal_model             ? 
_refine.B_iso_mean                               ? 
_refine.aniso_B[1][1]                            ? 
_refine.aniso_B[1][2]                            ? 
_refine.aniso_B[1][3]                            ? 
_refine.aniso_B[2][2]                            ? 
_refine.aniso_B[2][3]                            ? 
_refine.aniso_B[3][3]                            ? 
_refine.details                                  ? 
_refine.correlation_coeff_Fo_to_Fc               ? 
_refine.correlation_coeff_Fo_to_Fc_free          ? 
_refine.pdbx_solvent_vdw_probe_radii             ? 
_refine.pdbx_solvent_ion_probe_radii             ? 
_refine.pdbx_solvent_shrinkage_radii             ? 
_refine.overall_SU_R_Cruickshank_DPI             ? 
_refine.overall_SU_R_free                        ? 
_refine.overall_SU_B                             ? 
_refine.overall_SU_ML                            ? 
_refine.pdbx_overall_ESU_R                       ? 
_refine.pdbx_overall_ESU_R_Free                  ? 
_refine.pdbx_data_cutoff_high_rms_absF           ? 
_refine.pdbx_refine_id                           'X-RAY DIFFRACTION' 
_refine.pdbx_diffrn_id                           1 
_refine.pdbx_TLS_residual_ADP_flag               ? 
_refine.pdbx_overall_phase_error                 ? 
_refine.pdbx_overall_SU_R_free_Cruickshank_DPI   ? 
_refine.pdbx_overall_SU_R_Blow_DPI               ? 
_refine.pdbx_overall_SU_R_free_Blow_DPI          ? 
# 
_refine_hist.pdbx_refine_id                   'X-RAY DIFFRACTION' 
_refine_hist.cycle_id                         LAST 
_refine_hist.pdbx_number_atoms_protein        0 
_refine_hist.pdbx_number_atoms_nucleic_acid   163 
_refine_hist.pdbx_number_atoms_ligand         0 
_refine_hist.number_atoms_solvent             19 
_refine_hist.number_atoms_total               182 
_refine_hist.d_res_high                       1.9 
_refine_hist.d_res_low                        10 
# 
_struct.entry_id                  1R41 
_struct.title                     
'Crystal structures of d(Gm5CGm5CGCGC) and d(GCGCGm5CGm5C): Effects of methylation on alternating DNA octamers' 
_struct.pdbx_model_details        ? 
_struct.pdbx_CASP_flag            ? 
_struct.pdbx_model_type_details   ? 
# 
_struct_keywords.entry_id        1R41 
_struct_keywords.pdbx_keywords   DNA 
_struct_keywords.text            DNA 
# 
loop_
_struct_asym.id 
_struct_asym.pdbx_blank_PDB_chainid_flag 
_struct_asym.pdbx_modified 
_struct_asym.entity_id 
_struct_asym.details 
A N N 1 ? 
B N N 2 ? 
# 
_struct_ref.id                         1 
_struct_ref.entity_id                  1 
_struct_ref.db_name                    PDB 
_struct_ref.db_code                    1R41 
_struct_ref.pdbx_db_accession          1R41 
_struct_ref.pdbx_db_isoform            ? 
_struct_ref.pdbx_seq_one_letter_code   ? 
_struct_ref.pdbx_align_begin           ? 
# 
_struct_ref_seq.align_id                      1 
_struct_ref_seq.ref_id                        1 
_struct_ref_seq.pdbx_PDB_id_code              1R41 
_struct_ref_seq.pdbx_strand_id                A 
_struct_ref_seq.seq_align_beg                 1 
_struct_ref_seq.pdbx_seq_align_beg_ins_code   ? 
_struct_ref_seq.seq_align_end                 8 
_struct_ref_seq.pdbx_seq_align_end_ins_code   ? 
_struct_ref_seq.pdbx_db_accession             1R41 
_struct_ref_seq.db_align_beg                  1 
_struct_ref_seq.pdbx_db_align_beg_ins_code    ? 
_struct_ref_seq.db_align_end                  8 
_struct_ref_seq.pdbx_db_align_end_ins_code    ? 
_struct_ref_seq.pdbx_auth_seq_align_beg       1 
_struct_ref_seq.pdbx_auth_seq_align_end       8 
# 
_pdbx_struct_assembly.id                   1 
_pdbx_struct_assembly.details              author_defined_assembly 
_pdbx_struct_assembly.method_details       ? 
_pdbx_struct_assembly.oligomeric_details   dimeric 
_pdbx_struct_assembly.oligomeric_count     2 
# 
_pdbx_struct_assembly_gen.assembly_id       1 
_pdbx_struct_assembly_gen.oper_expression   1,2 
_pdbx_struct_assembly_gen.asym_id_list      A,B 
# 
loop_
_pdbx_struct_oper_list.id 
_pdbx_struct_oper_list.type 
_pdbx_struct_oper_list.name 
_pdbx_struct_oper_list.symmetry_operation 
_pdbx_struct_oper_list.matrix[1][1] 
_pdbx_struct_oper_list.matrix[1][2] 
_pdbx_struct_oper_list.matrix[1][3] 
_pdbx_struct_oper_list.vector[1] 
_pdbx_struct_oper_list.matrix[2][1] 
_pdbx_struct_oper_list.matrix[2][2] 
_pdbx_struct_oper_list.matrix[2][3] 
_pdbx_struct_oper_list.vector[2] 
_pdbx_struct_oper_list.matrix[3][1] 
_pdbx_struct_oper_list.matrix[3][2] 
_pdbx_struct_oper_list.matrix[3][3] 
_pdbx_struct_oper_list.vector[3] 
1 'identity operation'         1_555 x,y,z  1.0000000000  0.0000000000  0.0000000000  0.0000000000 0.0000000000  1.0000000000  0.0000000000 0.0000000000 0.0000000000  0.0000000000 1.0000000000  0.0000000000  
2 'crystal symmetry operation' 7_555 y,x,-z -0.1688757932 -0.9019993457 -0.3973388313 3.0413766034 -0.9019993457 -0.0210815508 0.4312223888 3.3926839708 -0.3973388313 0.4312223888 -0.8100426560 -1.3400074763 
# 
_struct_biol.id                    1 
_struct_biol.pdbx_parent_biol_id   ? 
_struct_biol.details               ? 
# 
loop_
_struct_conn.id 
_struct_conn.conn_type_id 
_struct_conn.pdbx_leaving_atom_flag 
_struct_conn.pdbx_PDB_id 
_struct_conn.ptnr1_label_asym_id 
_struct_conn.ptnr1_label_comp_id 
_struct_conn.ptnr1_label_seq_id 
_struct_conn.ptnr1_label_atom_id 
_struct_conn.pdbx_ptnr1_label_alt_id 
_struct_conn.pdbx_ptnr1_PDB_ins_code 
_struct_conn.pdbx_ptnr1_standard_comp_id 
_struct_conn.ptnr1_symmetry 
_struct_conn.ptnr2_label_asym_id 
_struct_conn.ptnr2_label_comp_id 
_struct_conn.ptnr2_label_seq_id 
_struct_conn.ptnr2_label_atom_id 
_struct_conn.pdbx_ptnr2_label_alt_id 
_struct_conn.pdbx_ptnr2_PDB_ins_code 
_struct_conn.ptnr1_auth_asym_id 
_struct_conn.ptnr1_auth_comp_id 
_struct_conn.ptnr1_auth_seq_id 
_struct_conn.ptnr2_auth_asym_id 
_struct_conn.ptnr2_auth_comp_id 
_struct_conn.ptnr2_auth_seq_id 
_struct_conn.ptnr2_symmetry 
_struct_conn.pdbx_ptnr3_label_atom_id 
_struct_conn.pdbx_ptnr3_label_seq_id 
_struct_conn.pdbx_ptnr3_label_comp_id 
_struct_conn.pdbx_ptnr3_label_asym_id 
_struct_conn.pdbx_ptnr3_label_alt_id 
_struct_conn.pdbx_ptnr3_PDB_ins_code 
_struct_conn.details 
_struct_conn.pdbx_dist_value 
_struct_conn.pdbx_value_order 
_struct_conn.pdbx_role 
covale1  covale both ? A DG  5 "O3'" ? ? ? 1_555 A 5CM 6 P  ? ? A DG  5 A 5CM 6 1_555 ? ? ? ? ? ? ?            1.583 ? ? 
covale2  covale both ? A 5CM 6 "O3'" ? ? ? 1_555 A DG  7 P  ? ? A 5CM 6 A DG  7 1_555 ? ? ? ? ? ? ?            1.680 ? ? 
covale3  covale both ? A DG  7 "O3'" ? ? ? 1_555 A 5CM 8 P  ? ? A DG  7 A 5CM 8 1_555 ? ? ? ? ? ? ?            1.573 ? ? 
hydrog1  hydrog ?    ? A DG  1 N1    ? ? ? 1_555 A 5CM 8 N3 ? ? A DG  1 A 5CM 8 7_555 ? ? ? ? ? ? WATSON-CRICK ?     ? ? 
hydrog2  hydrog ?    ? A DG  1 N2    ? ? ? 1_555 A 5CM 8 O2 ? ? A DG  1 A 5CM 8 7_555 ? ? ? ? ? ? WATSON-CRICK ?     ? ? 
hydrog3  hydrog ?    ? A DG  1 O6    ? ? ? 1_555 A 5CM 8 N4 ? ? A DG  1 A 5CM 8 7_555 ? ? ? ? ? ? WATSON-CRICK ?     ? ? 
hydrog4  hydrog ?    ? A DC  2 N3    ? ? ? 1_555 A DG  7 N1 ? ? A DC  2 A DG  7 7_555 ? ? ? ? ? ? WATSON-CRICK ?     ? ? 
hydrog5  hydrog ?    ? A DC  2 N4    ? ? ? 1_555 A DG  7 O6 ? ? A DC  2 A DG  7 7_555 ? ? ? ? ? ? WATSON-CRICK ?     ? ? 
hydrog6  hydrog ?    ? A DC  2 O2    ? ? ? 1_555 A DG  7 N2 ? ? A DC  2 A DG  7 7_555 ? ? ? ? ? ? WATSON-CRICK ?     ? ? 
hydrog7  hydrog ?    ? A DG  3 N1    ? ? ? 1_555 A 5CM 6 N3 ? ? A DG  3 A 5CM 6 7_555 ? ? ? ? ? ? WATSON-CRICK ?     ? ? 
hydrog8  hydrog ?    ? A DG  3 N2    ? ? ? 1_555 A 5CM 6 O2 ? ? A DG  3 A 5CM 6 7_555 ? ? ? ? ? ? WATSON-CRICK ?     ? ? 
hydrog9  hydrog ?    ? A DG  3 O6    ? ? ? 1_555 A 5CM 6 N4 ? ? A DG  3 A 5CM 6 7_555 ? ? ? ? ? ? WATSON-CRICK ?     ? ? 
hydrog10 hydrog ?    ? A DC  4 N3    ? ? ? 1_555 A DG  5 N1 ? ? A DC  4 A DG  5 7_555 ? ? ? ? ? ? WATSON-CRICK ?     ? ? 
hydrog11 hydrog ?    ? A DC  4 N4    ? ? ? 1_555 A DG  5 O6 ? ? A DC  4 A DG  5 7_555 ? ? ? ? ? ? WATSON-CRICK ?     ? ? 
hydrog12 hydrog ?    ? A DC  4 O2    ? ? ? 1_555 A DG  5 N2 ? ? A DC  4 A DG  5 7_555 ? ? ? ? ? ? WATSON-CRICK ?     ? ? 
hydrog13 hydrog ?    ? A DG  5 N1    ? ? ? 1_555 A DC  4 N3 ? ? A DG  5 A DC  4 7_555 ? ? ? ? ? ? WATSON-CRICK ?     ? ? 
hydrog14 hydrog ?    ? A DG  5 N2    ? ? ? 1_555 A DC  4 O2 ? ? A DG  5 A DC  4 7_555 ? ? ? ? ? ? WATSON-CRICK ?     ? ? 
hydrog15 hydrog ?    ? A DG  5 O6    ? ? ? 1_555 A DC  4 N4 ? ? A DG  5 A DC  4 7_555 ? ? ? ? ? ? WATSON-CRICK ?     ? ? 
hydrog16 hydrog ?    ? A 5CM 6 N3    ? ? ? 1_555 A DG  3 N1 ? ? A 5CM 6 A DG  3 7_555 ? ? ? ? ? ? WATSON-CRICK ?     ? ? 
hydrog17 hydrog ?    ? A 5CM 6 N4    ? ? ? 1_555 A DG  3 O6 ? ? A 5CM 6 A DG  3 7_555 ? ? ? ? ? ? WATSON-CRICK ?     ? ? 
hydrog18 hydrog ?    ? A 5CM 6 O2    ? ? ? 1_555 A DG  3 N2 ? ? A 5CM 6 A DG  3 7_555 ? ? ? ? ? ? WATSON-CRICK ?     ? ? 
hydrog19 hydrog ?    ? A DG  7 N1    ? ? ? 1_555 A DC  2 N3 ? ? A DG  7 A DC  2 7_555 ? ? ? ? ? ? WATSON-CRICK ?     ? ? 
hydrog20 hydrog ?    ? A DG  7 N2    ? ? ? 1_555 A DC  2 O2 ? ? A DG  7 A DC  2 7_555 ? ? ? ? ? ? WATSON-CRICK ?     ? ? 
hydrog21 hydrog ?    ? A DG  7 O6    ? ? ? 1_555 A DC  2 N4 ? ? A DG  7 A DC  2 7_555 ? ? ? ? ? ? WATSON-CRICK ?     ? ? 
hydrog22 hydrog ?    ? A 5CM 8 N3    ? ? ? 1_555 A DG  1 N1 ? ? A 5CM 8 A DG  1 7_555 ? ? ? ? ? ? WATSON-CRICK ?     ? ? 
hydrog23 hydrog ?    ? A 5CM 8 N4    ? ? ? 1_555 A DG  1 O6 ? ? A 5CM 8 A DG  1 7_555 ? ? ? ? ? ? WATSON-CRICK ?     ? ? 
hydrog24 hydrog ?    ? A 5CM 8 O2    ? ? ? 1_555 A DG  1 N2 ? ? A 5CM 8 A DG  1 7_555 ? ? ? ? ? ? WATSON-CRICK ?     ? ? 
# 
loop_
_struct_conn_type.id 
_struct_conn_type.criteria 
_struct_conn_type.reference 
covale ? ? 
hydrog ? ? 
# 
loop_
_pdbx_validate_rmsd_bond.id 
_pdbx_validate_rmsd_bond.PDB_model_num 
_pdbx_validate_rmsd_bond.auth_atom_id_1 
_pdbx_validate_rmsd_bond.auth_asym_id_1 
_pdbx_validate_rmsd_bond.auth_comp_id_1 
_pdbx_validate_rmsd_bond.auth_seq_id_1 
_pdbx_validate_rmsd_bond.PDB_ins_code_1 
_pdbx_validate_rmsd_bond.label_alt_id_1 
_pdbx_validate_rmsd_bond.auth_atom_id_2 
_pdbx_validate_rmsd_bond.auth_asym_id_2 
_pdbx_validate_rmsd_bond.auth_comp_id_2 
_pdbx_validate_rmsd_bond.auth_seq_id_2 
_pdbx_validate_rmsd_bond.PDB_ins_code_2 
_pdbx_validate_rmsd_bond.label_alt_id_2 
_pdbx_validate_rmsd_bond.bond_value 
_pdbx_validate_rmsd_bond.bond_target_value 
_pdbx_validate_rmsd_bond.bond_deviation 
_pdbx_validate_rmsd_bond.bond_standard_deviation 
_pdbx_validate_rmsd_bond.linker_flag 
1  1 "C5'" A DG  1 ? ? "C4'" A DG 1 ? ? 1.555 1.512 0.043  0.007 N 
2  1 N9    A DG  1 ? ? C4    A DG 1 ? ? 1.319 1.375 -0.056 0.008 N 
3  1 "O3'" A DG  1 ? ? P     A DC 2 ? ? 1.683 1.607 0.076  0.012 Y 
4  1 P     A DC  2 ? ? "O5'" A DC 2 ? ? 1.512 1.593 -0.081 0.010 N 
5  1 N1    A DC  2 ? ? C2    A DC 2 ? ? 1.309 1.397 -0.088 0.010 N 
6  1 C5    A DC  2 ? ? C6    A DC 2 ? ? 1.411 1.339 0.072  0.008 N 
7  1 "O3'" A DC  2 ? ? P     A DG 3 ? ? 1.693 1.607 0.086  0.012 Y 
8  1 C6    A DG  3 ? ? N1    A DG 3 ? ? 1.310 1.391 -0.081 0.007 N 
9  1 N7    A DG  3 ? ? C8    A DG 3 ? ? 1.243 1.305 -0.062 0.006 N 
10 1 N9    A DG  3 ? ? C4    A DG 3 ? ? 1.297 1.375 -0.078 0.008 N 
11 1 C2    A DG  3 ? ? N2    A DG 3 ? ? 1.220 1.341 -0.121 0.010 N 
12 1 P     A DG  5 ? ? "O5'" A DG 5 ? ? 1.514 1.593 -0.079 0.010 N 
13 1 C6    A DG  5 ? ? N1    A DG 5 ? ? 1.447 1.391 0.056  0.007 N 
14 1 C2    A DG  5 ? ? N2    A DG 5 ? ? 1.407 1.341 0.066  0.010 N 
15 1 "O3'" A 5CM 6 ? ? P     A DG 7 ? ? 1.680 1.607 0.073  0.012 Y 
16 1 P     A DG  7 ? ? OP1   A DG 7 ? ? 1.638 1.485 0.153  0.017 N 
17 1 "O4'" A DG  7 ? ? "C1'" A DG 7 ? ? 1.336 1.418 -0.082 0.012 N 
18 1 "O3'" A DG  7 ? ? "C3'" A DG 7 ? ? 1.342 1.419 -0.077 0.006 N 
19 1 N3    A DG  7 ? ? C4    A DG 7 ? ? 1.218 1.350 -0.132 0.007 N 
20 1 C5    A DG  7 ? ? C6    A DG 7 ? ? 1.480 1.419 0.061  0.010 N 
21 1 N9    A DG  7 ? ? C4    A DG 7 ? ? 1.430 1.375 0.055  0.008 N 
# 
loop_
_pdbx_validate_rmsd_angle.id 
_pdbx_validate_rmsd_angle.PDB_model_num 
_pdbx_validate_rmsd_angle.auth_atom_id_1 
_pdbx_validate_rmsd_angle.auth_asym_id_1 
_pdbx_validate_rmsd_angle.auth_comp_id_1 
_pdbx_validate_rmsd_angle.auth_seq_id_1 
_pdbx_validate_rmsd_angle.PDB_ins_code_1 
_pdbx_validate_rmsd_angle.label_alt_id_1 
_pdbx_validate_rmsd_angle.auth_atom_id_2 
_pdbx_validate_rmsd_angle.auth_asym_id_2 
_pdbx_validate_rmsd_angle.auth_comp_id_2 
_pdbx_validate_rmsd_angle.auth_seq_id_2 
_pdbx_validate_rmsd_angle.PDB_ins_code_2 
_pdbx_validate_rmsd_angle.label_alt_id_2 
_pdbx_validate_rmsd_angle.auth_atom_id_3 
_pdbx_validate_rmsd_angle.auth_asym_id_3 
_pdbx_validate_rmsd_angle.auth_comp_id_3 
_pdbx_validate_rmsd_angle.auth_seq_id_3 
_pdbx_validate_rmsd_angle.PDB_ins_code_3 
_pdbx_validate_rmsd_angle.label_alt_id_3 
_pdbx_validate_rmsd_angle.angle_value 
_pdbx_validate_rmsd_angle.angle_target_value 
_pdbx_validate_rmsd_angle.angle_deviation 
_pdbx_validate_rmsd_angle.angle_standard_deviation 
_pdbx_validate_rmsd_angle.linker_flag 
1  1 "O4'" A DG  1 ? ? "C4'" A DG  1 ? ? "C3'" A DG  1 ? ? 101.05 104.50 -3.45  0.40 N 
2  1 C5    A DG  1 ? ? C6    A DG  1 ? ? O6    A DG  1 ? ? 133.82 128.60 5.22   0.60 N 
3  1 "O3'" A DC  2 ? ? P     A DG  3 ? ? OP1   A DG  3 ? ? 91.52  105.20 -13.68 2.20 Y 
4  1 "O5'" A DG  3 ? ? P     A DG  3 ? ? OP1   A DG  3 ? ? 123.35 110.70 12.65  1.20 N 
5  1 "O4'" A DG  3 ? ? "C4'" A DG  3 ? ? "C3'" A DG  3 ? ? 101.76 104.50 -2.74  0.40 N 
6  1 "C5'" A DG  3 ? ? "C4'" A DG  3 ? ? "C3'" A DG  3 ? ? 124.23 115.70 8.53   1.20 N 
7  1 "O5'" A DC  4 ? ? P     A DC  4 ? ? OP2   A DC  4 ? ? 120.89 110.70 10.19  1.20 N 
8  1 "O3'" A DC  4 ? ? P     A DG  5 ? ? OP2   A DG  5 ? ? 119.37 110.50 8.87   1.10 Y 
9  1 "O5'" A DG  5 ? ? "C5'" A DG  5 ? ? "C4'" A DG  5 ? ? 104.36 109.40 -5.04  0.80 N 
10 1 "O3'" A DG  5 ? ? P     A 5CM 6 ? ? OP2   A 5CM 6 ? ? 120.61 110.50 10.11  1.10 Y 
11 1 "O3'" A 5CM 6 ? ? P     A DG  7 ? ? OP2   A DG  7 ? ? 118.13 110.50 7.63   1.10 Y 
12 1 "O5'" A DG  7 ? ? P     A DG  7 ? ? OP2   A DG  7 ? ? 97.63  105.70 -8.07  0.90 N 
13 1 "O4'" A DG  7 ? ? "C4'" A DG  7 ? ? "C3'" A DG  7 ? ? 101.68 104.50 -2.82  0.40 N 
14 1 "O3'" A DG  7 ? ? P     A 5CM 8 ? ? OP2   A 5CM 8 ? ? 130.78 110.50 20.28  1.10 Y 
# 
loop_
_pdbx_validate_planes.id 
_pdbx_validate_planes.PDB_model_num 
_pdbx_validate_planes.auth_comp_id 
_pdbx_validate_planes.auth_asym_id 
_pdbx_validate_planes.auth_seq_id 
_pdbx_validate_planes.PDB_ins_code 
_pdbx_validate_planes.label_alt_id 
_pdbx_validate_planes.rmsd 
_pdbx_validate_planes.type 
1 1 DG A 1 ? ? 0.055 'SIDE CHAIN' 
2 1 DC A 2 ? ? 0.071 'SIDE CHAIN' 
3 1 DG A 3 ? ? 0.099 'SIDE CHAIN' 
# 
loop_
_pdbx_struct_mod_residue.id 
_pdbx_struct_mod_residue.label_asym_id 
_pdbx_struct_mod_residue.label_comp_id 
_pdbx_struct_mod_residue.label_seq_id 
_pdbx_struct_mod_residue.auth_asym_id 
_pdbx_struct_mod_residue.auth_comp_id 
_pdbx_struct_mod_residue.auth_seq_id 
_pdbx_struct_mod_residue.PDB_ins_code 
_pdbx_struct_mod_residue.parent_comp_id 
_pdbx_struct_mod_residue.details 
1 A 5CM 6 A 5CM 6 ? DC ? 
2 A 5CM 8 A 5CM 8 ? DC ? 
# 
loop_
_chem_comp_atom.comp_id 
_chem_comp_atom.atom_id 
_chem_comp_atom.type_symbol 
_chem_comp_atom.pdbx_aromatic_flag 
_chem_comp_atom.pdbx_stereo_config 
_chem_comp_atom.pdbx_ordinal 
5CM N1     N N N 1   
5CM C2     C N N 2   
5CM N3     N N N 3   
5CM C4     C N N 4   
5CM C5     C N N 5   
5CM C5A    C N N 6   
5CM C6     C N N 7   
5CM O2     O N N 8   
5CM N4     N N N 9   
5CM "C1'"  C N R 10  
5CM "C2'"  C N N 11  
5CM "C3'"  C N S 12  
5CM "C4'"  C N R 13  
5CM "O4'"  O N N 14  
5CM "O3'"  O N N 15  
5CM "C5'"  C N N 16  
5CM "O5'"  O N N 17  
5CM P      P N N 18  
5CM OP1    O N N 19  
5CM OP2    O N N 20  
5CM OP3    O N N 21  
5CM H5A1   H N N 22  
5CM H5A2   H N N 23  
5CM H5A3   H N N 24  
5CM H6     H N N 25  
5CM HN41   H N N 26  
5CM HN42   H N N 27  
5CM "H1'"  H N N 28  
5CM "H2'"  H N N 29  
5CM "H2''" H N N 30  
5CM "H3'"  H N N 31  
5CM "H4'"  H N N 32  
5CM "HO3'" H N N 33  
5CM "H5'"  H N N 34  
5CM "H5''" H N N 35  
5CM HOP2   H N N 36  
5CM HOP3   H N N 37  
DC  OP3    O N N 38  
DC  P      P N N 39  
DC  OP1    O N N 40  
DC  OP2    O N N 41  
DC  "O5'"  O N N 42  
DC  "C5'"  C N N 43  
DC  "C4'"  C N R 44  
DC  "O4'"  O N N 45  
DC  "C3'"  C N S 46  
DC  "O3'"  O N N 47  
DC  "C2'"  C N N 48  
DC  "C1'"  C N R 49  
DC  N1     N N N 50  
DC  C2     C N N 51  
DC  O2     O N N 52  
DC  N3     N N N 53  
DC  C4     C N N 54  
DC  N4     N N N 55  
DC  C5     C N N 56  
DC  C6     C N N 57  
DC  HOP3   H N N 58  
DC  HOP2   H N N 59  
DC  "H5'"  H N N 60  
DC  "H5''" H N N 61  
DC  "H4'"  H N N 62  
DC  "H3'"  H N N 63  
DC  "HO3'" H N N 64  
DC  "H2'"  H N N 65  
DC  "H2''" H N N 66  
DC  "H1'"  H N N 67  
DC  H41    H N N 68  
DC  H42    H N N 69  
DC  H5     H N N 70  
DC  H6     H N N 71  
DG  OP3    O N N 72  
DG  P      P N N 73  
DG  OP1    O N N 74  
DG  OP2    O N N 75  
DG  "O5'"  O N N 76  
DG  "C5'"  C N N 77  
DG  "C4'"  C N R 78  
DG  "O4'"  O N N 79  
DG  "C3'"  C N S 80  
DG  "O3'"  O N N 81  
DG  "C2'"  C N N 82  
DG  "C1'"  C N R 83  
DG  N9     N Y N 84  
DG  C8     C Y N 85  
DG  N7     N Y N 86  
DG  C5     C Y N 87  
DG  C6     C N N 88  
DG  O6     O N N 89  
DG  N1     N N N 90  
DG  C2     C N N 91  
DG  N2     N N N 92  
DG  N3     N N N 93  
DG  C4     C Y N 94  
DG  HOP3   H N N 95  
DG  HOP2   H N N 96  
DG  "H5'"  H N N 97  
DG  "H5''" H N N 98  
DG  "H4'"  H N N 99  
DG  "H3'"  H N N 100 
DG  "HO3'" H N N 101 
DG  "H2'"  H N N 102 
DG  "H2''" H N N 103 
DG  "H1'"  H N N 104 
DG  H8     H N N 105 
DG  H1     H N N 106 
DG  H21    H N N 107 
DG  H22    H N N 108 
HOH O      O N N 109 
HOH H1     H N N 110 
HOH H2     H N N 111 
# 
loop_
_chem_comp_bond.comp_id 
_chem_comp_bond.atom_id_1 
_chem_comp_bond.atom_id_2 
_chem_comp_bond.value_order 
_chem_comp_bond.pdbx_aromatic_flag 
_chem_comp_bond.pdbx_stereo_config 
_chem_comp_bond.pdbx_ordinal 
5CM N1    C2     sing N N 1   
5CM N1    C6     sing N N 2   
5CM N1    "C1'"  sing N N 3   
5CM C2    N3     sing N N 4   
5CM C2    O2     doub N N 5   
5CM N3    C4     doub N N 6   
5CM C4    C5     sing N N 7   
5CM C4    N4     sing N N 8   
5CM C5    C5A    sing N N 9   
5CM C5    C6     doub N N 10  
5CM C5A   H5A1   sing N N 11  
5CM C5A   H5A2   sing N N 12  
5CM C5A   H5A3   sing N N 13  
5CM C6    H6     sing N N 14  
5CM N4    HN41   sing N N 15  
5CM N4    HN42   sing N N 16  
5CM "C1'" "C2'"  sing N N 17  
5CM "C1'" "O4'"  sing N N 18  
5CM "C1'" "H1'"  sing N N 19  
5CM "C2'" "C3'"  sing N N 20  
5CM "C2'" "H2'"  sing N N 21  
5CM "C2'" "H2''" sing N N 22  
5CM "C3'" "C4'"  sing N N 23  
5CM "C3'" "O3'"  sing N N 24  
5CM "C3'" "H3'"  sing N N 25  
5CM "C4'" "O4'"  sing N N 26  
5CM "C4'" "C5'"  sing N N 27  
5CM "C4'" "H4'"  sing N N 28  
5CM "O3'" "HO3'" sing N N 29  
5CM "C5'" "O5'"  sing N N 30  
5CM "C5'" "H5'"  sing N N 31  
5CM "C5'" "H5''" sing N N 32  
5CM "O5'" P      sing N N 33  
5CM P     OP1    doub N N 34  
5CM P     OP2    sing N N 35  
5CM P     OP3    sing N N 36  
5CM OP2   HOP2   sing N N 37  
5CM OP3   HOP3   sing N N 38  
DC  OP3   P      sing N N 39  
DC  OP3   HOP3   sing N N 40  
DC  P     OP1    doub N N 41  
DC  P     OP2    sing N N 42  
DC  P     "O5'"  sing N N 43  
DC  OP2   HOP2   sing N N 44  
DC  "O5'" "C5'"  sing N N 45  
DC  "C5'" "C4'"  sing N N 46  
DC  "C5'" "H5'"  sing N N 47  
DC  "C5'" "H5''" sing N N 48  
DC  "C4'" "O4'"  sing N N 49  
DC  "C4'" "C3'"  sing N N 50  
DC  "C4'" "H4'"  sing N N 51  
DC  "O4'" "C1'"  sing N N 52  
DC  "C3'" "O3'"  sing N N 53  
DC  "C3'" "C2'"  sing N N 54  
DC  "C3'" "H3'"  sing N N 55  
DC  "O3'" "HO3'" sing N N 56  
DC  "C2'" "C1'"  sing N N 57  
DC  "C2'" "H2'"  sing N N 58  
DC  "C2'" "H2''" sing N N 59  
DC  "C1'" N1     sing N N 60  
DC  "C1'" "H1'"  sing N N 61  
DC  N1    C2     sing N N 62  
DC  N1    C6     sing N N 63  
DC  C2    O2     doub N N 64  
DC  C2    N3     sing N N 65  
DC  N3    C4     doub N N 66  
DC  C4    N4     sing N N 67  
DC  C4    C5     sing N N 68  
DC  N4    H41    sing N N 69  
DC  N4    H42    sing N N 70  
DC  C5    C6     doub N N 71  
DC  C5    H5     sing N N 72  
DC  C6    H6     sing N N 73  
DG  OP3   P      sing N N 74  
DG  OP3   HOP3   sing N N 75  
DG  P     OP1    doub N N 76  
DG  P     OP2    sing N N 77  
DG  P     "O5'"  sing N N 78  
DG  OP2   HOP2   sing N N 79  
DG  "O5'" "C5'"  sing N N 80  
DG  "C5'" "C4'"  sing N N 81  
DG  "C5'" "H5'"  sing N N 82  
DG  "C5'" "H5''" sing N N 83  
DG  "C4'" "O4'"  sing N N 84  
DG  "C4'" "C3'"  sing N N 85  
DG  "C4'" "H4'"  sing N N 86  
DG  "O4'" "C1'"  sing N N 87  
DG  "C3'" "O3'"  sing N N 88  
DG  "C3'" "C2'"  sing N N 89  
DG  "C3'" "H3'"  sing N N 90  
DG  "O3'" "HO3'" sing N N 91  
DG  "C2'" "C1'"  sing N N 92  
DG  "C2'" "H2'"  sing N N 93  
DG  "C2'" "H2''" sing N N 94  
DG  "C1'" N9     sing N N 95  
DG  "C1'" "H1'"  sing N N 96  
DG  N9    C8     sing Y N 97  
DG  N9    C4     sing Y N 98  
DG  C8    N7     doub Y N 99  
DG  C8    H8     sing N N 100 
DG  N7    C5     sing Y N 101 
DG  C5    C6     sing N N 102 
DG  C5    C4     doub Y N 103 
DG  C6    O6     doub N N 104 
DG  C6    N1     sing N N 105 
DG  N1    C2     sing N N 106 
DG  N1    H1     sing N N 107 
DG  C2    N2     sing N N 108 
DG  C2    N3     doub N N 109 
DG  N2    H21    sing N N 110 
DG  N2    H22    sing N N 111 
DG  N3    C4     sing N N 112 
HOH O     H1     sing N N 113 
HOH O     H2     sing N N 114 
# 
_ndb_struct_conf_na.entry_id   1R41 
_ndb_struct_conf_na.feature    'a-form double helix' 
# 
loop_
_ndb_struct_na_base_pair.model_number 
_ndb_struct_na_base_pair.i_label_asym_id 
_ndb_struct_na_base_pair.i_label_comp_id 
_ndb_struct_na_base_pair.i_label_seq_id 
_ndb_struct_na_base_pair.i_symmetry 
_ndb_struct_na_base_pair.j_label_asym_id 
_ndb_struct_na_base_pair.j_label_comp_id 
_ndb_struct_na_base_pair.j_label_seq_id 
_ndb_struct_na_base_pair.j_symmetry 
_ndb_struct_na_base_pair.shear 
_ndb_struct_na_base_pair.stretch 
_ndb_struct_na_base_pair.stagger 
_ndb_struct_na_base_pair.buckle 
_ndb_struct_na_base_pair.propeller 
_ndb_struct_na_base_pair.opening 
_ndb_struct_na_base_pair.pair_number 
_ndb_struct_na_base_pair.pair_name 
_ndb_struct_na_base_pair.i_auth_asym_id 
_ndb_struct_na_base_pair.i_auth_seq_id 
_ndb_struct_na_base_pair.i_PDB_ins_code 
_ndb_struct_na_base_pair.j_auth_asym_id 
_ndb_struct_na_base_pair.j_auth_seq_id 
_ndb_struct_na_base_pair.j_PDB_ins_code 
_ndb_struct_na_base_pair.hbond_type_28 
_ndb_struct_na_base_pair.hbond_type_12 
1 A DG  1 1_555 A 5CM 8 7_555 -0.263 0.007  -0.235 -6.963 -6.098  0.930 1 A_DG1:5CM8_A A 1 ? A 8 ? 19 1 
1 A DC  2 1_555 A DG  7 7_555 0.305  -0.002 -0.206 9.535  -6.994  2.739 2 A_DC2:DG7_A  A 2 ? A 7 ? 19 1 
1 A DG  3 1_555 A 5CM 6 7_555 -0.073 -0.127 -0.302 -8.137 -13.235 1.618 3 A_DG3:5CM6_A A 3 ? A 6 ? 19 1 
1 A DC  4 1_555 A DG  5 7_555 0.295  -0.126 0.094  -4.720 -3.291  2.653 4 A_DC4:DG5_A  A 4 ? A 5 ? 19 1 
1 A DG  5 1_555 A DC  4 7_555 -0.295 -0.126 0.094  4.720  -3.291  2.653 5 A_DG5:DC4_A  A 5 ? A 4 ? 19 1 
1 A 5CM 6 1_555 A DG  3 7_555 0.073  -0.127 -0.302 8.137  -13.235 1.618 6 A_5CM6:DG3_A A 6 ? A 3 ? 19 1 
1 A DG  7 1_555 A DC  2 7_555 -0.305 -0.002 -0.206 -9.535 -6.994  2.739 7 A_DG7:DC2_A  A 7 ? A 2 ? 19 1 
1 A 5CM 8 1_555 A DG  1 7_555 0.263  0.007  -0.235 6.963  -6.098  0.930 8 A_5CM8:DG1_A A 8 ? A 1 ? 19 1 
# 
loop_
_ndb_struct_na_base_pair_step.model_number 
_ndb_struct_na_base_pair_step.i_label_asym_id_1 
_ndb_struct_na_base_pair_step.i_label_comp_id_1 
_ndb_struct_na_base_pair_step.i_label_seq_id_1 
_ndb_struct_na_base_pair_step.i_symmetry_1 
_ndb_struct_na_base_pair_step.j_label_asym_id_1 
_ndb_struct_na_base_pair_step.j_label_comp_id_1 
_ndb_struct_na_base_pair_step.j_label_seq_id_1 
_ndb_struct_na_base_pair_step.j_symmetry_1 
_ndb_struct_na_base_pair_step.i_label_asym_id_2 
_ndb_struct_na_base_pair_step.i_label_comp_id_2 
_ndb_struct_na_base_pair_step.i_label_seq_id_2 
_ndb_struct_na_base_pair_step.i_symmetry_2 
_ndb_struct_na_base_pair_step.j_label_asym_id_2 
_ndb_struct_na_base_pair_step.j_label_comp_id_2 
_ndb_struct_na_base_pair_step.j_label_seq_id_2 
_ndb_struct_na_base_pair_step.j_symmetry_2 
_ndb_struct_na_base_pair_step.shift 
_ndb_struct_na_base_pair_step.slide 
_ndb_struct_na_base_pair_step.rise 
_ndb_struct_na_base_pair_step.tilt 
_ndb_struct_na_base_pair_step.roll 
_ndb_struct_na_base_pair_step.twist 
_ndb_struct_na_base_pair_step.x_displacement 
_ndb_struct_na_base_pair_step.y_displacement 
_ndb_struct_na_base_pair_step.helical_rise 
_ndb_struct_na_base_pair_step.inclination 
_ndb_struct_na_base_pair_step.tip 
_ndb_struct_na_base_pair_step.helical_twist 
_ndb_struct_na_base_pair_step.step_number 
_ndb_struct_na_base_pair_step.step_name 
_ndb_struct_na_base_pair_step.i_auth_asym_id_1 
_ndb_struct_na_base_pair_step.i_auth_seq_id_1 
_ndb_struct_na_base_pair_step.i_PDB_ins_code_1 
_ndb_struct_na_base_pair_step.j_auth_asym_id_1 
_ndb_struct_na_base_pair_step.j_auth_seq_id_1 
_ndb_struct_na_base_pair_step.j_PDB_ins_code_1 
_ndb_struct_na_base_pair_step.i_auth_asym_id_2 
_ndb_struct_na_base_pair_step.i_auth_seq_id_2 
_ndb_struct_na_base_pair_step.i_PDB_ins_code_2 
_ndb_struct_na_base_pair_step.j_auth_asym_id_2 
_ndb_struct_na_base_pair_step.j_auth_seq_id_2 
_ndb_struct_na_base_pair_step.j_PDB_ins_code_2 
1 A DG  1 1_555 A 5CM 8 7_555 A DC  2 1_555 A DG  7 7_555 0.443  -1.172 3.064 -1.498 1.926  34.950 -2.215 -0.944 2.977 3.202  
2.491  35.032 1 AA_DG1DC2:DG75CM8_AA A 1 ? A 8 ? A 2 ? A 7 ? 
1 A DC  2 1_555 A DG  7 7_555 A DG  3 1_555 A 5CM 6 7_555 -0.307 -1.567 3.691 1.655  13.718 30.159 -5.131 0.826  2.721 24.793 
-2.991 33.107 2 AA_DC2DG3:5CM6DG7_AA A 2 ? A 7 ? A 3 ? A 6 ? 
1 A DG  3 1_555 A 5CM 6 7_555 A DC  4 1_555 A DG  5 7_555 0.104  -1.400 3.305 -3.127 -0.495 37.412 -2.109 -0.575 3.304 -0.770 
4.864  37.541 3 AA_DG3DC4:DG55CM6_AA A 3 ? A 6 ? A 4 ? A 5 ? 
1 A DC  4 1_555 A DG  5 7_555 A DG  5 1_555 A DC  4 7_555 0.000  -2.170 3.054 0.000  6.154  19.953 -8.190 0.000  2.288 17.237 
0.000  20.872 4 AA_DC4DG5:DC4DG5_AA  A 4 ? A 5 ? A 5 ? A 4 ? 
1 A DG  5 1_555 A DC  4 7_555 A 5CM 6 1_555 A DG  3 7_555 -0.104 -1.400 3.305 3.127  -0.495 37.412 -2.109 0.575  3.304 -0.770 
-4.864 37.541 5 AA_DG55CM6:DG3DC4_AA A 5 ? A 4 ? A 6 ? A 3 ? 
1 A 5CM 6 1_555 A DG  3 7_555 A DG  7 1_555 A DC  2 7_555 0.307  -1.567 3.691 -1.655 13.718 30.159 -5.131 -0.826 2.721 24.793 
2.991  33.107 6 AA_5CM6DG7:DC2DG3_AA A 6 ? A 3 ? A 7 ? A 2 ? 
1 A DG  7 1_555 A DC  2 7_555 A 5CM 8 1_555 A DG  1 7_555 -0.443 -1.172 3.064 1.498  1.926  34.950 -2.215 0.944  2.977 3.202  
-2.491 35.032 7 AA_DG75CM8:DG1DC2_AA A 7 ? A 2 ? A 8 ? A 1 ? 
# 
_atom_sites.entry_id                    1R41 
_atom_sites.fract_transf_matrix[1][1]   0.00249736 
_atom_sites.fract_transf_matrix[1][2]   -0.01264580 
_atom_sites.fract_transf_matrix[1][3]   -0.01927873 
_atom_sites.fract_transf_matrix[2][1]   0.01864495 
_atom_sites.fract_transf_matrix[2][2]   -0.01029944 
_atom_sites.fract_transf_matrix[2][3]   0.00917114 
_atom_sites.fract_transf_matrix[3][1]   -0.02361031 
_atom_sites.fract_transf_matrix[3][2]   -0.02870099 
_atom_sites.fract_transf_matrix[3][3]   0.01576782 
_atom_sites.fract_transf_vector[1]      0.736749 
_atom_sites.fract_transf_vector[2]      0.727275 
_atom_sites.fract_transf_vector[3]      0.095155 
# 
loop_
_atom_type.symbol 
C 
N 
O 
P 
# 
loop_
_atom_site.group_PDB 
_atom_site.id 
_atom_site.type_symbol 
_atom_site.label_atom_id 
_atom_site.label_alt_id 
_atom_site.label_comp_id 
_atom_site.label_asym_id 
_atom_site.label_entity_id 
_atom_site.label_seq_id 
_atom_site.pdbx_PDB_ins_code 
_atom_site.Cartn_x 
_atom_site.Cartn_y 
_atom_site.Cartn_z 
_atom_site.occupancy 
_atom_site.B_iso_or_equiv 
_atom_site.pdbx_formal_charge 
_atom_site.auth_seq_id 
_atom_site.auth_comp_id 
_atom_site.auth_asym_id 
_atom_site.auth_atom_id 
_atom_site.pdbx_PDB_model_num 
ATOM   1   O "O5'" . DG  A 1 1 ? -5.111  12.463 -5.509  1.00 29.10 ? 1   DG  A "O5'" 1 
ATOM   2   C "C5'" . DG  A 1 1 ? -6.495  12.824 -5.644  1.00 27.31 ? 1   DG  A "C5'" 1 
ATOM   3   C "C4'" . DG  A 1 1 ? -7.302  11.993 -6.681  1.00 28.25 ? 1   DG  A "C4'" 1 
ATOM   4   O "O4'" . DG  A 1 1 ? -6.635  11.874 -7.954  1.00 26.07 ? 1   DG  A "O4'" 1 
ATOM   5   C "C3'" . DG  A 1 1 ? -7.399  10.573 -6.279  1.00 28.35 ? 1   DG  A "C3'" 1 
ATOM   6   O "O3'" . DG  A 1 1 ? -8.480  10.270 -5.450  1.00 32.50 ? 1   DG  A "O3'" 1 
ATOM   7   C "C2'" . DG  A 1 1 ? -7.653  9.850  -7.612  1.00 27.29 ? 1   DG  A "C2'" 1 
ATOM   8   C "C1'" . DG  A 1 1 ? -6.741  10.654 -8.527  1.00 27.21 ? 1   DG  A "C1'" 1 
ATOM   9   N N9    . DG  A 1 1 ? -5.399  10.120 -8.528  1.00 26.18 ? 1   DG  A N9    1 
ATOM   10  C C8    . DG  A 1 1 ? -4.301  10.700 -7.913  1.00 26.73 ? 1   DG  A C8    1 
ATOM   11  N N7    . DG  A 1 1 ? -3.176  10.169 -8.260  1.00 26.17 ? 1   DG  A N7    1 
ATOM   12  C C5    . DG  A 1 1 ? -3.594  9.060  -9.022  1.00 24.99 ? 1   DG  A C5    1 
ATOM   13  C C6    . DG  A 1 1 ? -2.833  7.995  -9.708  1.00 25.56 ? 1   DG  A C6    1 
ATOM   14  O O6    . DG  A 1 1 ? -1.629  7.707  -9.773  1.00 26.72 ? 1   DG  A O6    1 
ATOM   15  N N1    . DG  A 1 1 ? -3.705  7.183  -10.427 1.00 28.37 ? 1   DG  A N1    1 
ATOM   16  C C2    . DG  A 1 1 ? -5.053  7.335  -10.490 1.00 27.77 ? 1   DG  A C2    1 
ATOM   17  N N2    . DG  A 1 1 ? -5.594  6.448  -11.249 1.00 30.49 ? 1   DG  A N2    1 
ATOM   18  N N3    . DG  A 1 1 ? -5.746  8.231  -9.862  1.00 26.54 ? 1   DG  A N3    1 
ATOM   19  C C4    . DG  A 1 1 ? -4.957  9.054  -9.169  1.00 24.63 ? 1   DG  A C4    1 
ATOM   20  P P     . DC  A 1 2 ? -8.387  9.121  -4.224  1.00 35.73 ? 2   DC  A P     1 
ATOM   21  O OP1   . DC  A 1 2 ? -9.588  9.457  -3.404  1.00 36.79 ? 2   DC  A OP1   1 
ATOM   22  O OP2   . DC  A 1 2 ? -7.017  9.175  -3.614  1.00 32.95 ? 2   DC  A OP2   1 
ATOM   23  O "O5'" . DC  A 1 2 ? -8.540  7.697  -4.710  1.00 31.57 ? 2   DC  A "O5'" 1 
ATOM   24  C "C5'" . DC  A 1 2 ? -9.535  7.314  -5.463  1.00 33.41 ? 2   DC  A "C5'" 1 
ATOM   25  C "C4'" . DC  A 1 2 ? -9.187  6.152  -6.349  1.00 31.91 ? 2   DC  A "C4'" 1 
ATOM   26  O "O4'" . DC  A 1 2 ? -8.222  6.619  -7.349  1.00 31.64 ? 2   DC  A "O4'" 1 
ATOM   27  C "C3'" . DC  A 1 2 ? -8.529  4.936  -5.722  1.00 33.72 ? 2   DC  A "C3'" 1 
ATOM   28  O "O3'" . DC  A 1 2 ? -9.446  3.884  -5.218  1.00 38.80 ? 2   DC  A "O3'" 1 
ATOM   29  C "C2'" . DC  A 1 2 ? -7.938  4.288  -6.969  1.00 32.83 ? 2   DC  A "C2'" 1 
ATOM   30  C "C1'" . DC  A 1 2 ? -7.437  5.485  -7.816  1.00 31.03 ? 2   DC  A "C1'" 1 
ATOM   31  N N1    . DC  A 1 2 ? -6.023  5.665  -7.328  1.00 28.11 ? 2   DC  A N1    1 
ATOM   32  C C2    . DC  A 1 2 ? -5.056  4.991  -7.899  1.00 28.55 ? 2   DC  A C2    1 
ATOM   33  O O2    . DC  A 1 2 ? -5.370  4.076  -8.670  1.00 33.12 ? 2   DC  A O2    1 
ATOM   34  N N3    . DC  A 1 2 ? -3.753  5.292  -7.714  1.00 26.56 ? 2   DC  A N3    1 
ATOM   35  C C4    . DC  A 1 2 ? -3.399  6.237  -6.833  1.00 29.26 ? 2   DC  A C4    1 
ATOM   36  N N4    . DC  A 1 2 ? -2.065  6.428  -6.540  1.00 27.25 ? 2   DC  A N4    1 
ATOM   37  C C5    . DC  A 1 2 ? -4.378  7.039  -6.155  1.00 28.28 ? 2   DC  A C5    1 
ATOM   38  C C6    . DC  A 1 2 ? -5.716  6.659  -6.393  1.00 29.49 ? 2   DC  A C6    1 
ATOM   39  P P     . DG  A 1 3 ? -9.032  2.964  -3.858  1.00 39.73 ? 3   DG  A P     1 
ATOM   40  O OP1   . DG  A 1 3 ? -10.468 2.933  -3.393  1.00 40.98 ? 3   DG  A OP1   1 
ATOM   41  O OP2   . DG  A 1 3 ? -8.226  3.655  -2.934  1.00 39.39 ? 3   DG  A OP2   1 
ATOM   42  O "O5'" . DG  A 1 3 ? -8.328  1.756  -4.552  1.00 38.30 ? 3   DG  A "O5'" 1 
ATOM   43  C "C5'" . DG  A 1 3 ? -8.878  1.053  -5.516  1.00 36.47 ? 3   DG  A "C5'" 1 
ATOM   44  C "C4'" . DG  A 1 3 ? -7.912  0.051  -6.083  1.00 36.52 ? 3   DG  A "C4'" 1 
ATOM   45  O "O4'" . DG  A 1 3 ? -6.994  0.911  -6.766  1.00 38.24 ? 3   DG  A "O4'" 1 
ATOM   46  C "C3'" . DG  A 1 3 ? -6.966  -0.808 -5.239  1.00 38.17 ? 3   DG  A "C3'" 1 
ATOM   47  O "O3'" . DG  A 1 3 ? -7.420  -2.157 -4.955  1.00 38.83 ? 3   DG  A "O3'" 1 
ATOM   48  C "C2'" . DG  A 1 3 ? -5.786  -1.025 -6.157  1.00 35.73 ? 3   DG  A "C2'" 1 
ATOM   49  C "C1'" . DG  A 1 3 ? -5.737  0.308  -6.995  1.00 35.37 ? 3   DG  A "C1'" 1 
ATOM   50  N N9    . DG  A 1 3 ? -4.761  1.141  -6.253  1.00 30.85 ? 3   DG  A N9    1 
ATOM   51  C C8    . DG  A 1 3 ? -5.034  2.197  -5.395  1.00 28.74 ? 3   DG  A C8    1 
ATOM   52  N N7    . DG  A 1 3 ? -4.014  2.862  -5.146  1.00 27.54 ? 3   DG  A N7    1 
ATOM   53  C C5    . DG  A 1 3 ? -2.992  2.123  -5.703  1.00 26.60 ? 3   DG  A C5    1 
ATOM   54  C C6    . DG  A 1 3 ? -1.528  2.285  -5.620  1.00 22.91 ? 3   DG  A C6    1 
ATOM   55  O O6    . DG  A 1 3 ? -0.926  3.185  -5.127  1.00 24.28 ? 3   DG  A O6    1 
ATOM   56  N N1    . DG  A 1 3 ? -0.925  1.262  -6.171  1.00 19.33 ? 3   DG  A N1    1 
ATOM   57  C C2    . DG  A 1 3 ? -1.516  0.149  -6.748  1.00 21.66 ? 3   DG  A C2    1 
ATOM   58  N N2    . DG  A 1 3 ? -0.754  -0.673 -7.229  1.00 22.50 ? 3   DG  A N2    1 
ATOM   59  N N3    . DG  A 1 3 ? -2.793  -0.060 -6.847  1.00 23.78 ? 3   DG  A N3    1 
ATOM   60  C C4    . DG  A 1 3 ? -3.473  1.007  -6.330  1.00 26.90 ? 3   DG  A C4    1 
ATOM   61  P P     . DC  A 1 4 ? -6.979  -2.774 -3.514  1.00 41.04 ? 4   DC  A P     1 
ATOM   62  O OP1   . DC  A 1 4 ? -7.846  -3.997 -3.594  1.00 40.06 ? 4   DC  A OP1   1 
ATOM   63  O OP2   . DC  A 1 4 ? -7.183  -1.791 -2.424  1.00 38.33 ? 4   DC  A OP2   1 
ATOM   64  O "O5'" . DC  A 1 4 ? -5.533  -3.383 -3.807  1.00 36.12 ? 4   DC  A "O5'" 1 
ATOM   65  C "C5'" . DC  A 1 4 ? -5.359  -4.306 -4.781  1.00 31.66 ? 4   DC  A "C5'" 1 
ATOM   66  C "C4'" . DC  A 1 4 ? -3.910  -4.699 -4.863  1.00 31.19 ? 4   DC  A "C4'" 1 
ATOM   67  O "O4'" . DC  A 1 4 ? -3.087  -3.620 -5.399  1.00 31.22 ? 4   DC  A "O4'" 1 
ATOM   68  C "C3'" . DC  A 1 4 ? -3.364  -4.857 -3.431  1.00 29.12 ? 4   DC  A "C3'" 1 
ATOM   69  O "O3'" . DC  A 1 4 ? -3.482  -6.310 -3.078  1.00 31.60 ? 4   DC  A "O3'" 1 
ATOM   70  C "C2'" . DC  A 1 4 ? -1.886  -4.646 -3.702  1.00 27.40 ? 4   DC  A "C2'" 1 
ATOM   71  C "C1'" . DC  A 1 4 ? -1.877  -3.556 -4.741  1.00 27.48 ? 4   DC  A "C1'" 1 
ATOM   72  N N1    . DC  A 1 4 ? -1.806  -2.200 -4.079  1.00 24.46 ? 4   DC  A N1    1 
ATOM   73  C C2    . DC  A 1 4 ? -0.569  -1.707 -3.846  1.00 20.59 ? 4   DC  A C2    1 
ATOM   74  O O2    . DC  A 1 4 ? 0.353   -2.443 -4.152  1.00 22.37 ? 4   DC  A O2    1 
ATOM   75  N N3    . DC  A 1 4 ? -0.369  -0.461 -3.255  1.00 21.11 ? 4   DC  A N3    1 
ATOM   76  C C4    . DC  A 1 4 ? -1.458  0.195  -2.840  1.00 22.19 ? 4   DC  A C4    1 
ATOM   77  N N4    . DC  A 1 4 ? -1.325  1.403  -2.169  1.00 22.32 ? 4   DC  A N4    1 
ATOM   78  C C5    . DC  A 1 4 ? -2.792  -0.337 -3.041  1.00 21.40 ? 4   DC  A C5    1 
ATOM   79  C C6    . DC  A 1 4 ? -2.894  -1.529 -3.701  1.00 22.69 ? 4   DC  A C6    1 
ATOM   80  P P     . DG  A 1 5 ? -3.192  -6.753 -1.621  1.00 30.29 ? 5   DG  A P     1 
ATOM   81  O OP1   . DG  A 1 5 ? -3.688  -8.061 -1.667  1.00 34.80 ? 5   DG  A OP1   1 
ATOM   82  O OP2   . DG  A 1 5 ? -3.712  -5.969 -0.525  1.00 31.93 ? 5   DG  A OP2   1 
ATOM   83  O "O5'" . DG  A 1 5 ? -1.681  -6.781 -1.700  1.00 28.60 ? 5   DG  A "O5'" 1 
ATOM   84  C "C5'" . DG  A 1 5 ? -0.970  -6.545 -0.511  1.00 24.45 ? 5   DG  A "C5'" 1 
ATOM   85  C "C4'" . DG  A 1 5 ? 0.451   -6.437 -0.945  1.00 25.02 ? 5   DG  A "C4'" 1 
ATOM   86  O "O4'" . DG  A 1 5 ? 0.587   -5.168 -1.728  1.00 24.06 ? 5   DG  A "O4'" 1 
ATOM   87  C "C3'" . DG  A 1 5 ? 1.456   -6.269 0.155   1.00 26.34 ? 5   DG  A "C3'" 1 
ATOM   88  O "O3'" . DG  A 1 5 ? 1.937   -7.547 0.614   1.00 27.71 ? 5   DG  A "O3'" 1 
ATOM   89  C "C2'" . DG  A 1 5 ? 2.623   -5.476 -0.477  1.00 22.49 ? 5   DG  A "C2'" 1 
ATOM   90  C "C1'" . DG  A 1 5 ? 1.835   -4.554 -1.403  1.00 22.65 ? 5   DG  A "C1'" 1 
ATOM   91  N N9    . DG  A 1 5 ? 1.480   -3.262 -0.735  1.00 19.71 ? 5   DG  A N9    1 
ATOM   92  C C8    . DG  A 1 5 ? 0.184   -2.819 -0.521  1.00 16.61 ? 5   DG  A C8    1 
ATOM   93  N N7    . DG  A 1 5 ? 0.124   -1.623 -0.102  1.00 17.77 ? 5   DG  A N7    1 
ATOM   94  C C5    . DG  A 1 5 ? 1.459   -1.205 -0.048  1.00 19.61 ? 5   DG  A C5    1 
ATOM   95  C C6    . DG  A 1 5 ? 2.057   0.053  0.416   1.00 19.87 ? 5   DG  A C6    1 
ATOM   96  O O6    . DG  A 1 5 ? 1.451   1.042  0.972   1.00 22.58 ? 5   DG  A O6    1 
ATOM   97  N N1    . DG  A 1 5 ? 3.502   0.007  0.366   1.00 20.02 ? 5   DG  A N1    1 
ATOM   98  C C2    . DG  A 1 5 ? 4.244   -1.103 -0.102  1.00 20.39 ? 5   DG  A C2    1 
ATOM   99  N N2    . DG  A 1 5 ? 5.637   -0.905 -0.151  1.00 19.15 ? 5   DG  A N2    1 
ATOM   100 N N3    . DG  A 1 5 ? 3.703   -2.243 -0.482  1.00 20.69 ? 5   DG  A N3    1 
ATOM   101 C C4    . DG  A 1 5 ? 2.318   -2.260 -0.374  1.00 19.59 ? 5   DG  A C4    1 
HETATM 102 N N1    . 5CM A 1 6 ? 4.935   -3.207 2.762   1.00 21.84 ? 6   5CM A N1    1 
HETATM 103 C C2    . 5CM A 1 6 ? 5.126   -1.942 3.098   1.00 21.35 ? 6   5CM A C2    1 
HETATM 104 N N3    . 5CM A 1 6 ? 4.062   -1.124 3.439   1.00 21.31 ? 6   5CM A N3    1 
HETATM 105 C C4    . 5CM A 1 6 ? 2.819   -1.608 3.467   1.00 22.85 ? 6   5CM A C4    1 
HETATM 106 C C5    . 5CM A 1 6 ? 2.560   -2.991 3.185   1.00 20.91 ? 6   5CM A C5    1 
HETATM 107 C C5A   . 5CM A 1 6 ? 1.134   -3.532 3.280   1.00 22.08 ? 6   5CM A C5A   1 
HETATM 108 C C6    . 5CM A 1 6 ? 3.671   -3.761 2.871   1.00 23.29 ? 6   5CM A C6    1 
HETATM 109 O O2    . 5CM A 1 6 ? 6.262   -1.520 3.090   1.00 25.49 ? 6   5CM A O2    1 
HETATM 110 N N4    . 5CM A 1 6 ? 1.755   -0.806 3.793   1.00 22.21 ? 6   5CM A N4    1 
HETATM 111 C "C1'" . 5CM A 1 6 ? 6.061   -3.961 2.210   1.00 25.13 ? 6   5CM A "C1'" 1 
HETATM 112 C "C2'" . 5CM A 1 6 ? 6.697   -4.629 3.502   1.00 24.69 ? 6   5CM A "C2'" 1 
HETATM 113 C "C3'" . 5CM A 1 6 ? 5.943   -6.008 3.449   1.00 28.16 ? 6   5CM A "C3'" 1 
HETATM 114 C "C4'" . 5CM A 1 6 ? 5.766   -6.278 1.961   1.00 28.28 ? 6   5CM A "C4'" 1 
HETATM 115 O "O4'" . 5CM A 1 6 ? 5.503   -4.985 1.404   1.00 26.64 ? 6   5CM A "O4'" 1 
HETATM 116 O "O3'" . 5CM A 1 6 ? 6.861   -6.919 4.180   1.00 31.23 ? 6   5CM A "O3'" 1 
HETATM 117 C "C5'" . 5CM A 1 6 ? 4.661   -7.232 1.675   1.00 29.01 ? 6   5CM A "C5'" 1 
HETATM 118 O "O5'" . 5CM A 1 6 ? 3.669   -7.043 2.463   1.00 26.75 ? 6   5CM A "O5'" 1 
HETATM 119 P P     . 5CM A 1 6 ? 2.232   -7.698 2.163   1.00 29.72 ? 6   5CM A P     1 
HETATM 120 O OP1   . 5CM A 1 6 ? 2.583   -9.207 2.223   1.00 32.33 ? 6   5CM A OP1   1 
HETATM 121 O OP2   . 5CM A 1 6 ? 1.388   -7.191 3.071   1.00 27.15 ? 6   5CM A OP2   1 
ATOM   122 P P     . DG  A 1 7 ? 6.571   -7.062 5.828   1.00 32.23 ? 7   DG  A P     1 
ATOM   123 O OP1   . DG  A 1 7 ? 7.454   -8.399 6.163   1.00 35.30 ? 7   DG  A OP1   1 
ATOM   124 O OP2   . DG  A 1 7 ? 5.197   -6.800 6.322   1.00 33.50 ? 7   DG  A OP2   1 
ATOM   125 O "O5'" . DG  A 1 7 ? 7.261   -5.711 6.389   1.00 29.77 ? 7   DG  A "O5'" 1 
ATOM   126 C "C5'" . DG  A 1 7 ? 8.625   -5.360 6.119   1.00 29.08 ? 7   DG  A "C5'" 1 
ATOM   127 C "C4'" . DG  A 1 7 ? 8.926   -4.017 6.793   1.00 31.42 ? 7   DG  A "C4'" 1 
ATOM   128 O "O4'" . DG  A 1 7 ? 8.057   -3.031 6.168   1.00 28.96 ? 7   DG  A "O4'" 1 
ATOM   129 C "C3'" . DG  A 1 7 ? 8.509   -3.919 8.237   1.00 31.10 ? 7   DG  A "C3'" 1 
ATOM   130 O "O3'" . DG  A 1 7 ? 9.511   -4.052 9.121   1.00 35.30 ? 7   DG  A "O3'" 1 
ATOM   131 C "C2'" . DG  A 1 7 ? 8.125   -2.442 8.392   1.00 28.64 ? 7   DG  A "C2'" 1 
ATOM   132 C "C1'" . DG  A 1 7 ? 7.797   -2.025 7.008   1.00 27.65 ? 7   DG  A "C1'" 1 
ATOM   133 N N9    . DG  A 1 7 ? 6.338   -1.866 6.946   1.00 25.27 ? 7   DG  A N9    1 
ATOM   134 C C8    . DG  A 1 7 ? 5.406   -2.727 6.459   1.00 23.03 ? 7   DG  A C8    1 
ATOM   135 N N7    . DG  A 1 7 ? 4.193   -2.248 6.493   1.00 23.39 ? 7   DG  A N7    1 
ATOM   136 C C5    . DG  A 1 7 ? 4.259   -1.027 7.134   1.00 23.83 ? 7   DG  A C5    1 
ATOM   137 C C6    . DG  A 1 7 ? 3.247   -0.024 7.532   1.00 22.61 ? 7   DG  A C6    1 
ATOM   138 O O6    . DG  A 1 7 ? 2.046   -0.054 7.442   1.00 24.41 ? 7   DG  A O6    1 
ATOM   139 N N1    . DG  A 1 7 ? 3.858   1.149  7.967   1.00 22.54 ? 7   DG  A N1    1 
ATOM   140 C C2    . DG  A 1 7 ? 5.170   1.218  8.210   1.00 21.39 ? 7   DG  A C2    1 
ATOM   141 N N2    . DG  A 1 7 ? 5.567   2.365  8.806   1.00 22.46 ? 7   DG  A N2    1 
ATOM   142 N N3    . DG  A 1 7 ? 6.055   0.244  7.992   1.00 21.83 ? 7   DG  A N3    1 
ATOM   143 C C4    . DG  A 1 7 ? 5.600   -0.751 7.456   1.00 24.75 ? 7   DG  A C4    1 
HETATM 144 N N1    . 5CM A 1 8 ? 5.946   -0.193 11.825  1.00 30.97 ? 8   5CM A N1    1 
HETATM 145 C C2    . 5CM A 1 8 ? 4.887   0.633  11.867  1.00 28.98 ? 8   5CM A C2    1 
HETATM 146 N N3    . 5CM A 1 8 ? 3.737   0.206  11.329  1.00 28.92 ? 8   5CM A N3    1 
HETATM 147 C C4    . 5CM A 1 8 ? 3.631   -1.041 10.901  1.00 25.80 ? 8   5CM A C4    1 
HETATM 148 C C5    . 5CM A 1 8 ? 4.728   -1.928 10.928  1.00 27.01 ? 8   5CM A C5    1 
HETATM 149 C C5A   . 5CM A 1 8 ? 4.647   -3.253 10.311  1.00 24.76 ? 8   5CM A C5A   1 
HETATM 150 C C6    . 5CM A 1 8 ? 5.816   -1.468 11.472  1.00 27.29 ? 8   5CM A C6    1 
HETATM 151 O O2    . 5CM A 1 8 ? 4.996   1.802  12.442  1.00 25.44 ? 8   5CM A O2    1 
HETATM 152 N N4    . 5CM A 1 8 ? 2.500   -1.331 10.427  1.00 24.77 ? 8   5CM A N4    1 
HETATM 153 C "C1'" . 5CM A 1 8 ? 7.327   0.446  12.209  1.00 35.35 ? 8   5CM A "C1'" 1 
HETATM 154 C "C2'" . 5CM A 1 8 ? 7.632   0.056  13.665  1.00 36.44 ? 8   5CM A "C2'" 1 
HETATM 155 C "C3'" . 5CM A 1 8 ? 8.889   -0.851 13.617  1.00 41.62 ? 8   5CM A "C3'" 1 
HETATM 156 C "C4'" . 5CM A 1 8 ? 9.258   -1.065 12.113  1.00 37.56 ? 8   5CM A "C4'" 1 
HETATM 157 O "O4'" . 5CM A 1 8 ? 8.370   -0.141 11.459  1.00 39.63 ? 8   5CM A "O4'" 1 
HETATM 158 O "O3'" . 5CM A 1 8 ? 9.459   0.451  14.183  1.00 44.72 ? 8   5CM A "O3'" 1 
HETATM 159 C "C5'" . 5CM A 1 8 ? 8.575   -2.224 11.503  1.00 38.57 ? 8   5CM A "C5'" 1 
HETATM 160 O "O5'" . 5CM A 1 8 ? 9.400   -3.284 11.515  1.00 37.51 ? 8   5CM A "O5'" 1 
HETATM 161 P P     . 5CM A 1 8 ? 9.144   -4.496 10.585  1.00 38.61 ? 8   5CM A P     1 
HETATM 162 O OP1   . 5CM A 1 8 ? 10.360  -5.319 10.954  1.00 38.13 ? 8   5CM A OP1   1 
HETATM 163 O OP2   . 5CM A 1 8 ? 7.977   -4.238 11.376  1.00 37.35 ? 8   5CM A OP2   1 
HETATM 164 O O     . HOH B 2 . ? 5.543   -3.989 -1.856  1.00 22.69 ? 101 HOH A O     1 
HETATM 165 O O     . HOH B 2 . ? 1.954   -3.962 6.692   1.00 26.51 ? 102 HOH A O     1 
HETATM 166 O O     . HOH B 2 . ? -3.713  4.819  -3.358  1.00 43.91 ? 103 HOH A O     1 
HETATM 167 O O     . HOH B 2 . ? -1.049  5.020  -3.227  1.00 37.62 ? 104 HOH A O     1 
HETATM 168 O O     . HOH B 2 . ? -2.173  -0.444 0.833   1.00 35.41 ? 105 HOH A O     1 
HETATM 169 O O     . HOH B 2 . ? -1.005  1.952  1.220   1.00 39.76 ? 106 HOH A O     1 
HETATM 170 O O     . HOH B 2 . ? 2.649   -6.298 5.670   1.00 44.57 ? 107 HOH A O     1 
HETATM 171 O O     . HOH B 2 . ? -1.093  -5.031 6.026   1.00 57.44 ? 108 HOH A O     1 
HETATM 172 O O     . HOH B 2 . ? -1.572  -0.653 4.062   1.00 53.46 ? 109 HOH A O     1 
HETATM 173 O O     . HOH B 2 . ? -3.509  2.729  -1.132  1.00 43.21 ? 110 HOH A O     1 
HETATM 174 O O     . HOH B 2 . ? 0.144   -1.607 6.833   1.00 38.08 ? 111 HOH A O     1 
HETATM 175 O O     . HOH B 2 . ? 1.477   -3.889 9.540   1.00 46.94 ? 112 HOH A O     1 
HETATM 176 O O     . HOH B 2 . ? 0.684   8.377  -8.496  1.00 38.18 ? 113 HOH A O     1 
HETATM 177 O O     . HOH B 2 . ? -0.753  10.805 -6.938  1.00 42.28 ? 114 HOH A O     1 
HETATM 178 O O     . HOH B 2 . ? 6.421   -6.317 -1.503  1.00 35.09 ? 115 HOH A O     1 
HETATM 179 O O     . HOH B 2 . ? 8.622   -6.582 0.303   1.00 52.09 ? 116 HOH A O     1 
HETATM 180 O O     . HOH B 2 . ? 8.667   1.421  8.852   1.00 48.64 ? 117 HOH A O     1 
HETATM 181 O O     . HOH B 2 . ? 0.074   -7.584 7.646   1.00 53.51 ? 118 HOH A O     1 
HETATM 182 O O     . HOH B 2 . ? 5.304   -8.582 -1.682  1.00 43.99 ? 119 HOH A O     1 
# 
